data_8SM0
#
_entry.id   8SM0
#
_cell.length_a   157.584
_cell.length_b   49.255
_cell.length_c   78.323
_cell.angle_alpha   90.00
_cell.angle_beta   101.64
_cell.angle_gamma   90.00
#
_symmetry.space_group_name_H-M   'C 1 2 1'
#
loop_
_entity.id
_entity.type
_entity.pdbx_description
1 polymer 'Complement receptor type 2'
2 polymer 'Envelope glycoprotein gp350'
3 non-polymer 2-acetamido-2-deoxy-beta-D-glucopyranose
4 non-polymer 'SULFATE ION'
5 water water
#
loop_
_entity_poly.entity_id
_entity_poly.type
_entity_poly.pdbx_seq_one_letter_code
_entity_poly.pdbx_strand_id
1 'polypeptide(L)'
;ISCGSPPPILNGRISYYSTPIAVGTVIRYSCSGTFRLIGEKSLLCITKDKVDGTWDKPAPKCEYFNKYSSCPEPIVPGGY
KIRGSTPYRHGDSVTFACKTNFSMNGNKSVWCQANNMWGPTRLPTCVSV
;
C
2 'polypeptide(L)'
;MEAALLVCQYTIQSLIHLTGEDPGFFNVEIPEFPFYPTCNVCTADVNVTINFDVGGKKHQLDLDFGQLTPHTKAVYQPRG
AFGGSENATNLFLLELLGAGELALTMRSKKLPINVTTGEEQQVSLESVDVYFQDVFGTMWCHHAEMQNPVYLIPETVPYI
KWDNCNSTNITAVVRAQGLDVTLPLSLPTSAQDSNFSVKTEMLGNEIDIECIMEDGEISQVLPGDNKFNITCSGYESHVP
SGGILTSTSPVATPIPGTGYAYSLRLTPRPVSRFLGNNSILYVFYSGNGPKASGGDYCIQSNIVFSDEIPASQDMPTNTT
DITYVGDNATYSVPMVTSEDANSPNVTVTAFWAWPNNTETDFKCKWTLTSGTPSGCENISGAFASNRTFDITVSGLGTAP
KTLIITRTATNATTTTHKVIFSKAPHHHHHH
;
G
#
# COMPACT_ATOMS: atom_id res chain seq x y z
N ILE A 1 -31.42 -20.49 20.65
CA ILE A 1 -30.94 -19.59 21.69
C ILE A 1 -30.81 -18.18 21.14
N SER A 2 -30.45 -17.25 22.02
CA SER A 2 -30.14 -15.89 21.61
C SER A 2 -29.45 -15.19 22.76
N CYS A 3 -28.65 -14.18 22.42
CA CYS A 3 -27.98 -13.34 23.39
C CYS A 3 -28.83 -12.12 23.71
N GLY A 4 -28.72 -11.64 24.95
CA GLY A 4 -29.28 -10.35 25.30
C GLY A 4 -28.43 -9.23 24.75
N SER A 5 -28.92 -8.00 24.96
CA SER A 5 -28.19 -6.85 24.44
C SER A 5 -26.75 -6.87 24.95
N PRO A 6 -25.79 -6.47 24.13
CA PRO A 6 -24.38 -6.57 24.53
C PRO A 6 -24.06 -5.63 25.68
N PRO A 7 -22.96 -5.85 26.38
CA PRO A 7 -22.58 -4.96 27.48
C PRO A 7 -22.29 -3.56 26.97
N PRO A 8 -22.72 -2.54 27.71
CA PRO A 8 -22.51 -1.16 27.21
C PRO A 8 -21.05 -0.76 27.31
N ILE A 9 -20.73 0.37 26.67
CA ILE A 9 -19.39 0.92 26.71
C ILE A 9 -19.52 2.43 26.87
N LEU A 10 -18.96 2.97 27.94
CA LEU A 10 -18.99 4.40 28.17
C LEU A 10 -18.00 5.09 27.24
N ASN A 11 -18.46 6.16 26.57
CA ASN A 11 -17.65 6.95 25.66
C ASN A 11 -17.27 6.18 24.40
N GLY A 12 -18.10 5.23 24.00
CA GLY A 12 -17.88 4.48 22.78
C GLY A 12 -19.18 4.13 22.08
N ARG A 13 -19.10 3.29 21.06
CA ARG A 13 -20.28 2.85 20.34
C ARG A 13 -20.15 1.38 20.00
N ILE A 14 -21.27 0.76 19.67
CA ILE A 14 -21.34 -0.64 19.31
C ILE A 14 -21.94 -0.73 17.92
N SER A 15 -21.43 -1.67 17.13
CA SER A 15 -21.91 -1.82 15.77
C SER A 15 -23.34 -2.33 15.76
N TYR A 16 -23.93 -2.33 14.56
CA TYR A 16 -25.33 -2.70 14.41
C TYR A 16 -25.53 -4.17 14.71
N TYR A 17 -26.63 -4.49 15.38
CA TYR A 17 -27.06 -5.86 15.55
C TYR A 17 -28.58 -5.90 15.46
N SER A 18 -29.09 -6.99 14.91
CA SER A 18 -30.51 -7.22 14.84
C SER A 18 -30.96 -7.99 16.08
N THR A 19 -32.19 -7.72 16.51
CA THR A 19 -32.75 -8.39 17.69
C THR A 19 -33.85 -9.35 17.29
N PRO A 20 -33.95 -10.53 17.92
CA PRO A 20 -33.01 -11.04 18.92
C PRO A 20 -31.68 -11.48 18.30
N ILE A 21 -30.64 -11.52 19.11
CA ILE A 21 -29.27 -11.75 18.63
C ILE A 21 -29.02 -13.24 18.55
N ALA A 22 -28.68 -13.73 17.36
CA ALA A 22 -28.47 -15.15 17.15
C ALA A 22 -27.07 -15.56 17.56
N VAL A 23 -26.97 -16.80 18.03
CA VAL A 23 -25.67 -17.39 18.33
C VAL A 23 -24.81 -17.32 17.07
N GLY A 24 -23.56 -16.90 17.24
CA GLY A 24 -22.66 -16.68 16.14
C GLY A 24 -22.52 -15.24 15.72
N THR A 25 -23.37 -14.35 16.22
CA THR A 25 -23.30 -12.94 15.88
C THR A 25 -22.07 -12.29 16.47
N VAL A 26 -21.38 -11.49 15.66
CA VAL A 26 -20.22 -10.72 16.10
C VAL A 26 -20.58 -9.24 16.12
N ILE A 27 -20.21 -8.55 17.18
CA ILE A 27 -20.37 -7.10 17.27
C ILE A 27 -19.01 -6.48 17.51
N ARG A 28 -18.86 -5.24 17.08
CA ARG A 28 -17.60 -4.51 17.16
C ARG A 28 -17.79 -3.31 18.07
N TYR A 29 -16.79 -3.04 18.90
CA TYR A 29 -16.77 -1.85 19.75
C TYR A 29 -15.78 -0.84 19.22
N SER A 30 -16.11 0.44 19.40
CA SER A 30 -15.21 1.53 19.01
C SER A 30 -15.37 2.66 20.01
N CYS A 31 -14.33 3.48 20.12
CA CYS A 31 -14.33 4.61 21.03
C CYS A 31 -14.62 5.91 20.28
N SER A 32 -14.96 6.94 21.06
CA SER A 32 -15.44 8.21 20.50
C SER A 32 -14.28 9.13 20.13
N GLY A 33 -13.58 8.74 19.06
CA GLY A 33 -12.63 9.62 18.41
C GLY A 33 -11.43 10.03 19.23
N THR A 34 -11.67 10.77 20.32
CA THR A 34 -10.56 11.16 21.19
C THR A 34 -10.13 10.03 22.11
N PHE A 35 -11.05 9.19 22.56
CA PHE A 35 -10.72 8.12 23.49
C PHE A 35 -9.99 6.98 22.77
N ARG A 36 -9.37 6.10 23.56
CA ARG A 36 -8.66 4.95 23.05
C ARG A 36 -9.26 3.66 23.59
N LEU A 37 -9.44 2.69 22.70
CA LEU A 37 -10.08 1.43 23.06
C LEU A 37 -9.05 0.50 23.69
N ILE A 38 -9.35 0.02 24.90
CA ILE A 38 -8.48 -0.90 25.63
C ILE A 38 -9.20 -2.23 25.74
N GLY A 39 -8.66 -3.26 25.09
CA GLY A 39 -9.20 -4.60 25.14
C GLY A 39 -9.72 -5.06 23.79
N GLU A 40 -9.94 -6.37 23.70
CA GLU A 40 -10.47 -6.96 22.47
C GLU A 40 -11.75 -6.24 22.06
N LYS A 41 -11.85 -5.92 20.76
CA LYS A 41 -12.90 -5.06 20.25
C LYS A 41 -14.10 -5.82 19.69
N SER A 42 -14.00 -7.14 19.52
CA SER A 42 -15.06 -7.93 18.92
C SER A 42 -15.60 -8.92 19.92
N LEU A 43 -16.92 -8.94 20.08
CA LEU A 43 -17.61 -9.85 20.97
C LEU A 43 -18.44 -10.84 20.16
N LEU A 44 -18.44 -12.10 20.58
CA LEU A 44 -19.10 -13.18 19.87
C LEU A 44 -20.20 -13.77 20.74
N CYS A 45 -21.37 -13.98 20.16
CA CYS A 45 -22.48 -14.61 20.86
C CYS A 45 -22.34 -16.12 20.75
N ILE A 46 -22.18 -16.78 21.90
CA ILE A 46 -22.00 -18.23 21.95
C ILE A 46 -23.04 -18.83 22.88
N THR A 47 -23.12 -20.15 22.88
CA THR A 47 -23.97 -20.88 23.81
C THR A 47 -23.19 -22.05 24.36
N LYS A 48 -23.21 -22.22 25.67
CA LYS A 48 -22.53 -23.35 26.31
C LYS A 48 -23.48 -24.44 26.78
N ASP A 49 -24.73 -24.09 27.11
CA ASP A 49 -25.72 -25.06 27.55
C ASP A 49 -26.79 -25.32 26.49
N LYS A 50 -26.64 -24.74 25.31
CA LYS A 50 -27.60 -24.97 24.22
C LYS A 50 -29.01 -24.46 24.55
N VAL A 51 -29.11 -23.56 25.52
CA VAL A 51 -30.38 -22.97 25.91
C VAL A 51 -30.35 -21.45 25.79
N ASP A 52 -29.37 -20.82 26.43
CA ASP A 52 -29.23 -19.37 26.42
C ASP A 52 -27.92 -19.00 25.72
N GLY A 53 -27.92 -17.82 25.10
CA GLY A 53 -26.71 -17.27 24.54
C GLY A 53 -26.02 -16.35 25.53
N THR A 54 -24.70 -16.27 25.41
CA THR A 54 -23.90 -15.36 26.20
C THR A 54 -22.74 -14.86 25.35
N TRP A 55 -22.24 -13.69 25.70
CA TRP A 55 -21.10 -13.11 25.00
C TRP A 55 -19.80 -13.73 25.52
N ASP A 56 -18.82 -13.86 24.62
CA ASP A 56 -17.66 -14.69 24.91
C ASP A 56 -16.55 -13.97 25.67
N LYS A 57 -16.65 -12.67 25.86
CA LYS A 57 -15.69 -11.94 26.68
C LYS A 57 -16.35 -10.66 27.17
N PRO A 58 -15.77 -10.00 28.16
CA PRO A 58 -16.30 -8.70 28.59
C PRO A 58 -16.08 -7.64 27.54
N ALA A 59 -16.88 -6.59 27.65
CA ALA A 59 -16.74 -5.47 26.74
C ALA A 59 -15.41 -4.75 27.02
N PRO A 60 -14.80 -4.18 25.99
CA PRO A 60 -13.61 -3.34 26.23
C PRO A 60 -14.01 -1.99 26.82
N LYS A 61 -13.03 -1.16 27.16
CA LYS A 61 -13.30 0.14 27.75
C LYS A 61 -12.58 1.22 26.95
N CYS A 62 -13.06 2.46 27.10
CA CYS A 62 -12.50 3.62 26.42
C CYS A 62 -11.82 4.51 27.44
N GLU A 63 -10.56 4.84 27.19
CA GLU A 63 -9.80 5.75 28.03
C GLU A 63 -9.60 7.07 27.30
N TYR A 64 -9.67 8.18 28.04
CA TYR A 64 -9.37 9.47 27.46
C TYR A 64 -7.91 9.49 27.01
N PHE A 65 -7.69 9.97 25.79
CA PHE A 65 -6.37 9.86 25.17
C PHE A 65 -5.34 10.66 25.97
N ASN A 66 -4.32 9.96 26.44
CA ASN A 66 -3.20 10.57 27.15
C ASN A 66 -2.02 10.54 26.17
N LYS A 67 -1.74 11.69 25.56
CA LYS A 67 -0.67 11.81 24.57
C LYS A 67 0.69 11.50 25.16
N TYR A 68 0.83 11.51 26.48
CA TYR A 68 2.13 11.33 27.12
C TYR A 68 2.42 9.88 27.48
N SER A 69 1.38 9.05 27.60
CA SER A 69 1.59 7.68 28.06
C SER A 69 2.58 6.95 27.15
N SER A 70 3.38 6.08 27.77
CA SER A 70 4.34 5.25 27.06
C SER A 70 4.55 3.98 27.87
N CYS A 71 4.42 2.83 27.22
CA CYS A 71 4.58 1.56 27.90
C CYS A 71 5.92 0.92 27.53
N PRO A 72 6.60 0.28 28.48
CA PRO A 72 7.83 -0.44 28.13
C PRO A 72 7.52 -1.66 27.28
N GLU A 73 8.54 -2.15 26.60
CA GLU A 73 8.35 -3.31 25.73
C GLU A 73 7.89 -4.51 26.56
N PRO A 74 6.79 -5.15 26.21
CA PRO A 74 6.37 -6.34 26.96
C PRO A 74 7.11 -7.58 26.47
N ILE A 75 7.52 -8.41 27.43
CA ILE A 75 8.31 -9.61 27.14
C ILE A 75 7.63 -10.80 27.78
N VAL A 76 7.41 -11.85 27.00
CA VAL A 76 6.80 -13.09 27.49
C VAL A 76 7.78 -14.25 27.32
N PRO A 77 8.38 -14.74 28.40
CA PRO A 77 9.30 -15.89 28.26
C PRO A 77 8.59 -17.10 27.68
N GLY A 78 9.21 -17.70 26.67
CA GLY A 78 8.60 -18.79 25.93
C GLY A 78 7.73 -18.38 24.77
N GLY A 79 7.51 -17.08 24.58
CA GLY A 79 6.71 -16.59 23.48
C GLY A 79 7.44 -15.50 22.71
N TYR A 80 6.75 -14.97 21.70
CA TYR A 80 7.32 -13.95 20.83
C TYR A 80 6.20 -13.09 20.26
N LYS A 81 6.56 -11.87 19.88
CA LYS A 81 5.60 -10.91 19.35
C LYS A 81 5.33 -11.16 17.87
N ILE A 82 4.06 -11.10 17.49
CA ILE A 82 3.67 -11.13 16.08
C ILE A 82 2.99 -9.85 15.64
N ARG A 83 2.66 -8.94 16.55
CA ARG A 83 2.13 -7.63 16.19
C ARG A 83 2.62 -6.61 17.22
N GLY A 84 2.90 -5.41 16.76
CA GLY A 84 3.36 -4.35 17.62
C GLY A 84 4.81 -3.98 17.35
N SER A 85 5.15 -2.73 17.64
CA SER A 85 6.52 -2.26 17.49
C SER A 85 6.71 -1.00 18.32
N THR A 86 7.92 -0.84 18.85
CA THR A 86 8.24 0.34 19.63
C THR A 86 8.26 1.58 18.72
N PRO A 87 7.89 2.75 19.24
CA PRO A 87 7.45 3.04 20.61
C PRO A 87 5.98 2.69 20.83
N TYR A 88 5.62 2.37 22.07
CA TYR A 88 4.25 2.00 22.41
C TYR A 88 3.58 3.17 23.12
N ARG A 89 2.54 3.72 22.50
CA ARG A 89 1.81 4.84 23.05
C ARG A 89 0.40 4.38 23.45
N HIS A 90 -0.35 5.29 24.06
CA HIS A 90 -1.68 4.96 24.57
C HIS A 90 -2.54 4.37 23.46
N GLY A 91 -3.07 3.18 23.71
CA GLY A 91 -3.97 2.51 22.79
C GLY A 91 -3.31 1.55 21.84
N ASP A 92 -1.98 1.58 21.71
CA ASP A 92 -1.30 0.62 20.88
C ASP A 92 -1.41 -0.77 21.50
N SER A 93 -1.37 -1.78 20.64
CA SER A 93 -1.51 -3.17 21.08
C SER A 93 -0.32 -3.99 20.64
N VAL A 94 -0.09 -5.07 21.39
CA VAL A 94 0.89 -6.10 21.07
C VAL A 94 0.16 -7.43 21.07
N THR A 95 0.54 -8.33 20.16
CA THR A 95 -0.01 -9.68 20.11
C THR A 95 1.14 -10.68 20.20
N PHE A 96 1.00 -11.64 21.11
CA PHE A 96 2.03 -12.64 21.35
C PHE A 96 1.63 -13.98 20.74
N ALA A 97 2.64 -14.83 20.61
CA ALA A 97 2.46 -16.24 20.28
C ALA A 97 3.49 -17.03 21.07
N CYS A 98 3.17 -18.28 21.40
CA CYS A 98 4.10 -19.12 22.13
C CYS A 98 4.94 -19.96 21.19
N LYS A 99 6.19 -20.20 21.58
CA LYS A 99 7.05 -21.11 20.85
C LYS A 99 6.46 -22.52 20.87
N THR A 100 7.03 -23.40 20.04
CA THR A 100 6.36 -24.65 19.71
C THR A 100 6.21 -25.57 20.92
N ASN A 101 7.22 -25.62 21.80
CA ASN A 101 7.12 -26.48 22.98
C ASN A 101 6.21 -25.93 24.07
N PHE A 102 5.67 -24.74 23.90
CA PHE A 102 4.95 -24.04 24.96
C PHE A 102 3.50 -23.82 24.59
N SER A 103 2.64 -23.76 25.61
CA SER A 103 1.22 -23.49 25.45
C SER A 103 0.88 -22.17 26.11
N MET A 104 0.00 -21.40 25.46
CA MET A 104 -0.37 -20.07 25.95
C MET A 104 -1.52 -20.16 26.95
N ASN A 105 -1.47 -19.32 27.97
CA ASN A 105 -2.57 -19.12 28.90
C ASN A 105 -2.77 -17.63 29.09
N GLY A 106 -4.01 -17.18 28.99
CA GLY A 106 -4.33 -15.77 29.02
C GLY A 106 -4.54 -15.21 27.63
N ASN A 107 -4.88 -13.92 27.60
CA ASN A 107 -5.18 -13.26 26.32
C ASN A 107 -3.89 -13.01 25.55
N LYS A 108 -3.91 -13.32 24.25
CA LYS A 108 -2.71 -13.19 23.44
C LYS A 108 -2.36 -11.72 23.15
N SER A 109 -3.30 -10.80 23.34
CA SER A 109 -3.08 -9.40 22.99
C SER A 109 -3.26 -8.51 24.20
N VAL A 110 -2.42 -7.48 24.30
CA VAL A 110 -2.46 -6.49 25.37
C VAL A 110 -2.32 -5.10 24.77
N TRP A 111 -2.83 -4.12 25.51
CA TRP A 111 -2.87 -2.73 25.07
C TRP A 111 -2.13 -1.84 26.05
N CYS A 112 -1.47 -0.80 25.51
CA CYS A 112 -0.79 0.18 26.33
C CYS A 112 -1.81 1.14 26.93
N GLN A 113 -1.93 1.13 28.26
CA GLN A 113 -2.95 1.91 28.94
C GLN A 113 -2.44 3.30 29.30
N ALA A 114 -3.37 4.16 29.70
CA ALA A 114 -3.01 5.52 30.08
C ALA A 114 -2.06 5.53 31.28
N ASN A 115 -2.18 4.55 32.17
CA ASN A 115 -1.31 4.47 33.34
C ASN A 115 0.02 3.80 33.05
N ASN A 116 0.44 3.77 31.78
CA ASN A 116 1.75 3.24 31.36
C ASN A 116 1.89 1.74 31.63
N MET A 117 0.78 1.03 31.80
CA MET A 117 0.81 -0.41 32.01
C MET A 117 0.07 -1.12 30.89
N TRP A 118 0.51 -2.35 30.59
CA TRP A 118 -0.18 -3.19 29.63
C TRP A 118 -1.42 -3.79 30.28
N GLY A 119 -2.54 -3.75 29.57
CA GLY A 119 -3.79 -4.28 30.08
C GLY A 119 -4.73 -4.67 28.96
N PRO A 120 -6.00 -4.96 29.30
CA PRO A 120 -6.55 -4.89 30.66
C PRO A 120 -6.17 -6.09 31.50
N THR A 121 -5.79 -7.18 30.85
CA THR A 121 -5.33 -8.39 31.53
C THR A 121 -3.84 -8.31 31.79
N ARG A 122 -3.34 -9.28 32.56
CA ARG A 122 -1.90 -9.45 32.65
C ARG A 122 -1.34 -9.96 31.32
N LEU A 123 -0.03 -9.84 31.15
CA LEU A 123 0.61 -10.45 30.00
C LEU A 123 0.30 -11.95 30.00
N PRO A 124 0.09 -12.56 28.83
CA PRO A 124 -0.09 -14.01 28.80
C PRO A 124 1.19 -14.72 29.20
N THR A 125 1.05 -15.99 29.53
CA THR A 125 2.19 -16.84 29.85
C THR A 125 2.32 -17.92 28.78
N CYS A 126 3.56 -18.34 28.55
CA CYS A 126 3.89 -19.46 27.68
C CYS A 126 4.56 -20.50 28.54
N VAL A 127 3.91 -21.65 28.72
CA VAL A 127 4.38 -22.68 29.63
C VAL A 127 4.31 -24.03 28.93
N SER A 128 5.31 -24.86 29.17
CA SER A 128 5.31 -26.22 28.66
C SER A 128 4.57 -27.10 29.66
N VAL A 129 3.47 -27.71 29.22
CA VAL A 129 2.60 -28.45 30.13
C VAL A 129 2.56 -29.93 29.76
N VAL B 7 18.70 -13.42 -14.91
CA VAL B 7 19.86 -12.55 -14.75
C VAL B 7 19.38 -11.09 -14.66
N CYS B 8 19.50 -10.51 -13.46
CA CYS B 8 19.09 -9.13 -13.23
C CYS B 8 20.20 -8.17 -13.66
N GLN B 9 19.87 -7.20 -14.51
CA GLN B 9 20.83 -6.17 -14.89
C GLN B 9 20.85 -5.00 -13.91
N TYR B 10 19.72 -4.69 -13.29
CA TYR B 10 19.62 -3.68 -12.25
C TYR B 10 18.65 -4.16 -11.18
N THR B 11 19.03 -3.94 -9.92
CA THR B 11 18.22 -4.37 -8.77
C THR B 11 17.98 -3.18 -7.87
N ILE B 12 16.71 -2.94 -7.54
CA ILE B 12 16.29 -1.93 -6.59
C ILE B 12 16.02 -2.60 -5.24
N GLN B 13 16.45 -1.95 -4.15
CA GLN B 13 16.27 -2.44 -2.81
C GLN B 13 15.35 -1.51 -2.03
N SER B 14 14.41 -2.10 -1.28
CA SER B 14 13.56 -1.32 -0.39
C SER B 14 13.41 -2.07 0.92
N LEU B 15 13.15 -1.32 1.99
CA LEU B 15 12.97 -1.88 3.33
C LEU B 15 11.64 -1.39 3.87
N ILE B 16 10.74 -2.33 4.17
CA ILE B 16 9.36 -2.03 4.52
C ILE B 16 9.11 -2.47 5.95
N HIS B 17 8.31 -1.69 6.69
CA HIS B 17 8.03 -1.97 8.09
C HIS B 17 6.55 -1.76 8.36
N LEU B 18 5.86 -2.82 8.77
CA LEU B 18 4.48 -2.74 9.21
C LEU B 18 4.45 -2.22 10.64
N THR B 19 3.71 -1.13 10.87
CA THR B 19 3.64 -0.51 12.19
C THR B 19 2.28 -0.75 12.83
N GLY B 20 1.21 -0.18 12.29
CA GLY B 20 -0.09 -0.27 12.91
C GLY B 20 -0.67 -1.68 12.91
N GLU B 21 -2.00 -1.78 12.87
CA GLU B 21 -2.63 -3.08 12.74
C GLU B 21 -2.69 -3.45 11.26
N ASP B 22 -2.86 -4.75 11.03
CA ASP B 22 -3.00 -5.30 9.69
C ASP B 22 -4.41 -5.03 9.18
N PRO B 23 -4.58 -4.35 8.05
CA PRO B 23 -5.93 -4.06 7.54
C PRO B 23 -6.53 -5.15 6.67
N GLY B 24 -5.84 -6.29 6.54
CA GLY B 24 -6.29 -7.33 5.64
C GLY B 24 -5.53 -7.40 4.34
N PHE B 25 -4.62 -6.46 4.10
CA PHE B 25 -3.76 -6.54 2.94
C PHE B 25 -2.39 -5.95 3.27
N PHE B 26 -1.39 -6.44 2.55
CA PHE B 26 -0.04 -5.92 2.57
C PHE B 26 0.25 -5.29 1.22
N ASN B 27 0.66 -4.02 1.22
CA ASN B 27 0.88 -3.26 0.00
C ASN B 27 2.37 -2.96 -0.16
N VAL B 28 2.92 -3.28 -1.32
CA VAL B 28 4.34 -3.05 -1.61
C VAL B 28 4.42 -2.17 -2.85
N GLU B 29 5.00 -0.98 -2.69
CA GLU B 29 5.18 -0.05 -3.81
C GLU B 29 6.50 -0.34 -4.52
N ILE B 30 6.46 -0.25 -5.84
CA ILE B 30 7.64 -0.48 -6.66
C ILE B 30 7.75 0.69 -7.64
N PRO B 31 8.53 1.71 -7.36
CA PRO B 31 8.46 2.96 -8.15
C PRO B 31 9.47 3.13 -9.27
N GLU B 32 10.40 2.19 -9.49
CA GLU B 32 11.59 2.48 -10.28
C GLU B 32 11.70 1.69 -11.59
N PHE B 33 10.69 0.90 -11.96
CA PHE B 33 10.73 0.21 -13.25
C PHE B 33 10.38 1.19 -14.38
N PRO B 34 10.99 1.03 -15.57
CA PRO B 34 10.73 1.98 -16.66
C PRO B 34 9.40 1.71 -17.33
N PHE B 35 8.60 2.77 -17.48
CA PHE B 35 7.41 2.77 -18.33
C PHE B 35 7.65 3.84 -19.38
N TYR B 36 7.86 3.42 -20.63
CA TYR B 36 8.37 4.33 -21.66
C TYR B 36 7.23 5.19 -22.23
N PRO B 37 7.50 6.47 -22.48
CA PRO B 37 6.44 7.35 -22.98
C PRO B 37 6.23 7.21 -24.49
N THR B 38 5.10 7.73 -24.94
CA THR B 38 4.69 7.71 -26.34
C THR B 38 4.92 6.32 -26.94
N CYS B 39 4.32 5.33 -26.29
CA CYS B 39 4.47 3.93 -26.73
C CYS B 39 3.18 3.19 -26.38
N ASN B 40 2.24 3.20 -27.33
CA ASN B 40 1.03 2.39 -27.20
C ASN B 40 1.33 0.90 -27.20
N VAL B 41 2.53 0.50 -27.63
CA VAL B 41 2.86 -0.89 -27.92
C VAL B 41 3.81 -1.50 -26.91
N CYS B 42 4.41 -0.71 -26.03
CA CYS B 42 5.38 -1.25 -25.08
C CYS B 42 4.69 -2.18 -24.08
N THR B 43 5.35 -3.29 -23.78
CA THR B 43 4.86 -4.27 -22.83
C THR B 43 5.96 -4.59 -21.83
N ALA B 44 5.59 -5.32 -20.78
CA ALA B 44 6.54 -5.74 -19.77
C ALA B 44 6.11 -7.10 -19.23
N ASP B 45 7.04 -8.05 -19.20
CA ASP B 45 6.82 -9.35 -18.60
C ASP B 45 7.16 -9.27 -17.12
N VAL B 46 6.21 -9.62 -16.26
CA VAL B 46 6.36 -9.46 -14.82
C VAL B 46 6.07 -10.77 -14.11
N ASN B 47 7.01 -11.19 -13.27
CA ASN B 47 6.83 -12.29 -12.33
C ASN B 47 7.18 -11.80 -10.93
N VAL B 48 6.59 -12.44 -9.93
CA VAL B 48 6.80 -12.08 -8.54
C VAL B 48 7.10 -13.34 -7.75
N THR B 49 8.03 -13.24 -6.81
CA THR B 49 8.32 -14.33 -5.87
C THR B 49 8.08 -13.81 -4.46
N ILE B 50 7.23 -14.50 -3.72
CA ILE B 50 6.97 -14.18 -2.32
C ILE B 50 7.79 -15.15 -1.47
N ASN B 51 8.64 -14.61 -0.58
CA ASN B 51 9.53 -15.40 0.25
C ASN B 51 8.97 -15.51 1.66
N PHE B 52 8.51 -16.70 2.01
CA PHE B 52 7.93 -17.00 3.31
C PHE B 52 8.89 -17.78 4.18
N ASP B 53 8.73 -17.61 5.49
CA ASP B 53 9.27 -18.52 6.50
C ASP B 53 8.09 -19.21 7.17
N VAL B 54 8.13 -20.54 7.22
CA VAL B 54 7.07 -21.33 7.83
C VAL B 54 7.70 -22.11 8.98
N GLY B 55 7.62 -21.55 10.18
CA GLY B 55 8.18 -22.23 11.33
C GLY B 55 9.63 -22.62 11.18
N GLY B 56 10.41 -21.78 10.49
CA GLY B 56 11.82 -22.04 10.26
C GLY B 56 12.14 -22.60 8.89
N LYS B 57 11.14 -23.07 8.15
CA LYS B 57 11.31 -23.66 6.84
C LYS B 57 11.02 -22.62 5.77
N LYS B 58 11.93 -22.49 4.80
CA LYS B 58 11.76 -21.50 3.74
C LYS B 58 10.84 -22.04 2.66
N HIS B 59 9.98 -21.15 2.13
CA HIS B 59 8.95 -21.54 1.17
C HIS B 59 8.72 -20.36 0.23
N GLN B 60 8.93 -20.57 -1.07
CA GLN B 60 8.77 -19.54 -2.09
C GLN B 60 7.49 -19.74 -2.88
N LEU B 61 6.75 -18.65 -3.09
CA LEU B 61 5.57 -18.64 -3.93
C LEU B 61 5.88 -17.80 -5.17
N ASP B 62 5.83 -18.44 -6.34
CA ASP B 62 6.11 -17.77 -7.60
C ASP B 62 4.80 -17.46 -8.32
N LEU B 63 4.59 -16.19 -8.64
CA LEU B 63 3.40 -15.73 -9.34
C LEU B 63 3.78 -15.22 -10.73
N ASP B 64 3.00 -15.59 -11.73
CA ASP B 64 3.20 -15.16 -13.11
C ASP B 64 2.10 -14.18 -13.50
N PHE B 65 2.46 -12.92 -13.70
CA PHE B 65 1.48 -11.89 -14.05
C PHE B 65 1.36 -11.65 -15.56
N GLY B 66 2.07 -12.43 -16.37
CA GLY B 66 1.96 -12.26 -17.81
C GLY B 66 2.60 -10.97 -18.30
N GLN B 67 2.05 -10.45 -19.39
CA GLN B 67 2.57 -9.24 -20.03
C GLN B 67 1.69 -8.05 -19.66
N LEU B 68 2.30 -7.02 -19.09
CA LEU B 68 1.58 -5.78 -18.81
C LEU B 68 1.34 -5.00 -20.11
N THR B 69 0.17 -4.38 -20.20
CA THR B 69 -0.20 -3.55 -21.34
C THR B 69 -0.73 -2.23 -20.80
N PRO B 70 0.19 -1.33 -20.38
CA PRO B 70 -0.26 -0.14 -19.64
C PRO B 70 -1.28 0.71 -20.38
N HIS B 71 -1.22 0.77 -21.71
CA HIS B 71 -2.14 1.64 -22.43
C HIS B 71 -3.59 1.19 -22.30
N THR B 72 -3.83 -0.09 -21.98
CA THR B 72 -5.19 -0.63 -22.02
C THR B 72 -5.66 -1.25 -20.72
N LYS B 73 -4.77 -1.52 -19.77
CA LYS B 73 -5.16 -2.26 -18.56
C LYS B 73 -4.27 -1.82 -17.41
N ALA B 74 -4.91 -1.49 -16.28
CA ALA B 74 -4.20 -0.94 -15.14
C ALA B 74 -4.18 -1.86 -13.92
N VAL B 75 -4.96 -2.95 -13.92
CA VAL B 75 -5.08 -3.84 -12.77
C VAL B 75 -4.89 -5.27 -13.25
N TYR B 76 -4.00 -6.01 -12.60
CA TYR B 76 -3.61 -7.33 -13.06
C TYR B 76 -3.71 -8.36 -11.96
N GLN B 77 -4.21 -9.54 -12.31
CA GLN B 77 -4.20 -10.69 -11.43
C GLN B 77 -3.20 -11.72 -11.95
N PRO B 78 -2.67 -12.57 -11.07
CA PRO B 78 -1.73 -13.59 -11.53
C PRO B 78 -2.36 -14.50 -12.57
N ARG B 79 -1.61 -14.78 -13.62
CA ARG B 79 -1.98 -15.76 -14.63
C ARG B 79 -1.77 -17.18 -14.13
N GLY B 80 -0.92 -17.36 -13.13
CA GLY B 80 -0.67 -18.67 -12.56
C GLY B 80 0.18 -18.52 -11.32
N ALA B 81 0.21 -19.58 -10.54
CA ALA B 81 0.99 -19.61 -9.31
C ALA B 81 1.69 -20.95 -9.19
N PHE B 82 2.91 -20.92 -8.66
CA PHE B 82 3.69 -22.12 -8.38
C PHE B 82 4.06 -22.13 -6.90
N GLY B 83 3.75 -23.23 -6.22
CA GLY B 83 4.02 -23.37 -4.80
C GLY B 83 2.95 -22.81 -3.90
N GLY B 84 1.79 -22.47 -4.44
CA GLY B 84 0.75 -21.81 -3.68
C GLY B 84 -0.45 -22.70 -3.40
N SER B 85 -1.29 -22.22 -2.48
CA SER B 85 -2.51 -22.91 -2.16
C SER B 85 -3.50 -22.78 -3.32
N GLU B 86 -4.63 -23.45 -3.19
CA GLU B 86 -5.70 -23.29 -4.18
C GLU B 86 -6.24 -21.87 -4.11
N ASN B 87 -6.53 -21.31 -5.29
CA ASN B 87 -7.02 -19.93 -5.41
C ASN B 87 -5.99 -18.91 -4.95
N ALA B 88 -4.71 -19.30 -4.90
CA ALA B 88 -3.66 -18.34 -4.56
C ALA B 88 -3.68 -17.14 -5.51
N THR B 89 -4.05 -17.37 -6.78
CA THR B 89 -4.09 -16.27 -7.74
C THR B 89 -5.13 -15.22 -7.39
N ASN B 90 -6.08 -15.55 -6.52
CA ASN B 90 -7.10 -14.59 -6.10
C ASN B 90 -6.65 -13.69 -4.96
N LEU B 91 -5.46 -13.92 -4.42
CA LEU B 91 -4.99 -13.19 -3.24
C LEU B 91 -3.97 -12.12 -3.56
N PHE B 92 -3.71 -11.84 -4.84
CA PHE B 92 -2.67 -10.88 -5.21
C PHE B 92 -3.17 -9.97 -6.34
N LEU B 93 -2.79 -8.70 -6.26
CA LEU B 93 -3.08 -7.73 -7.31
C LEU B 93 -1.82 -6.94 -7.63
N LEU B 94 -1.62 -6.67 -8.92
CA LEU B 94 -0.61 -5.72 -9.38
C LEU B 94 -1.33 -4.55 -10.02
N GLU B 95 -1.05 -3.32 -9.54
CA GLU B 95 -1.77 -2.14 -9.97
C GLU B 95 -0.81 -1.05 -10.44
N LEU B 96 -1.11 -0.47 -11.61
CA LEU B 96 -0.36 0.69 -12.10
C LEU B 96 -0.85 1.94 -11.40
N LEU B 97 0.09 2.74 -10.90
CA LEU B 97 -0.24 3.90 -10.08
C LEU B 97 -0.07 5.23 -10.78
N GLY B 98 0.49 5.24 -11.98
CA GLY B 98 0.79 6.48 -12.67
C GLY B 98 2.25 6.88 -12.48
N ALA B 99 2.77 7.64 -13.45
CA ALA B 99 4.12 8.18 -13.36
C ALA B 99 5.15 7.08 -13.16
N GLY B 100 4.98 5.98 -13.89
CA GLY B 100 5.93 4.89 -13.87
C GLY B 100 5.95 4.05 -12.60
N GLU B 101 4.94 4.16 -11.74
CA GLU B 101 4.95 3.44 -10.47
C GLU B 101 3.93 2.31 -10.50
N LEU B 102 4.18 1.29 -9.69
CA LEU B 102 3.20 0.23 -9.53
C LEU B 102 3.22 -0.26 -8.09
N ALA B 103 2.18 -0.99 -7.72
CA ALA B 103 2.06 -1.55 -6.38
C ALA B 103 1.67 -3.01 -6.48
N LEU B 104 2.22 -3.82 -5.57
CA LEU B 104 1.81 -5.20 -5.40
C LEU B 104 1.05 -5.29 -4.08
N THR B 105 -0.13 -5.88 -4.12
CA THR B 105 -0.98 -6.01 -2.96
C THR B 105 -1.29 -7.48 -2.72
N MET B 106 -1.15 -7.91 -1.46
CA MET B 106 -1.45 -9.28 -1.07
C MET B 106 -2.45 -9.27 0.07
N ARG B 107 -3.44 -10.16 0.00
CA ARG B 107 -4.32 -10.35 1.15
C ARG B 107 -3.54 -11.01 2.28
N SER B 108 -3.76 -10.53 3.49
CA SER B 108 -2.94 -10.94 4.64
C SER B 108 -3.63 -11.94 5.55
N LYS B 109 -4.93 -12.15 5.43
CA LYS B 109 -5.67 -12.98 6.37
C LYS B 109 -6.14 -14.29 5.76
N LYS B 110 -5.67 -14.63 4.57
CA LYS B 110 -5.88 -15.93 3.95
C LYS B 110 -4.53 -16.46 3.49
N LEU B 111 -4.20 -17.70 3.84
CA LEU B 111 -2.88 -18.22 3.53
C LEU B 111 -2.77 -18.50 2.03
N PRO B 112 -1.73 -17.99 1.37
CA PRO B 112 -1.53 -18.29 -0.06
C PRO B 112 -0.68 -19.51 -0.35
N ILE B 113 -0.24 -20.25 0.68
CA ILE B 113 0.60 -21.43 0.53
C ILE B 113 -0.01 -22.56 1.37
N ASN B 114 0.42 -23.78 1.07
CA ASN B 114 0.01 -24.96 1.83
C ASN B 114 0.92 -25.14 3.03
N VAL B 115 0.33 -25.31 4.21
CA VAL B 115 1.08 -25.57 5.44
C VAL B 115 0.33 -26.64 6.23
N THR B 116 1.02 -27.20 7.21
CA THR B 116 0.49 -28.31 7.97
C THR B 116 -0.33 -27.82 9.15
N THR B 117 -1.14 -28.73 9.70
CA THR B 117 -1.83 -28.50 10.96
C THR B 117 -0.80 -28.22 12.04
N GLY B 118 -0.75 -27.00 12.54
CA GLY B 118 0.21 -26.59 13.54
C GLY B 118 1.17 -25.52 13.07
N GLU B 119 1.37 -25.39 11.77
CA GLU B 119 2.14 -24.31 11.18
C GLU B 119 1.25 -23.19 10.65
N GLU B 120 -0.06 -23.27 10.86
CA GLU B 120 -0.98 -22.31 10.27
C GLU B 120 -0.76 -20.90 10.82
N GLN B 121 -0.28 -20.78 12.06
CA GLN B 121 0.02 -19.48 12.65
C GLN B 121 1.51 -19.16 12.62
N GLN B 122 2.30 -19.99 11.95
CA GLN B 122 3.76 -19.84 11.90
C GLN B 122 4.26 -19.38 10.54
N VAL B 123 3.41 -18.79 9.72
CA VAL B 123 3.81 -18.31 8.40
C VAL B 123 4.17 -16.84 8.48
N SER B 124 5.40 -16.51 8.12
CA SER B 124 5.83 -15.11 8.11
C SER B 124 6.42 -14.75 6.76
N LEU B 125 6.11 -13.53 6.33
CA LEU B 125 6.58 -13.00 5.05
C LEU B 125 7.93 -12.32 5.26
N GLU B 126 8.95 -12.82 4.55
CA GLU B 126 10.31 -12.30 4.69
C GLU B 126 10.63 -11.22 3.68
N SER B 127 10.19 -11.39 2.43
CA SER B 127 10.57 -10.46 1.37
C SER B 127 9.74 -10.75 0.13
N VAL B 128 9.75 -9.80 -0.80
CA VAL B 128 9.10 -9.93 -2.10
C VAL B 128 10.09 -9.52 -3.17
N ASP B 129 10.25 -10.35 -4.19
CA ASP B 129 11.08 -10.05 -5.35
C ASP B 129 10.17 -9.88 -6.55
N VAL B 130 10.33 -8.78 -7.28
CA VAL B 130 9.56 -8.51 -8.48
C VAL B 130 10.52 -8.46 -9.65
N TYR B 131 10.19 -9.20 -10.71
CA TYR B 131 11.03 -9.34 -11.89
C TYR B 131 10.29 -8.73 -13.08
N PHE B 132 10.97 -7.84 -13.79
CA PHE B 132 10.33 -6.94 -14.76
C PHE B 132 11.25 -6.87 -15.97
N GLN B 133 10.81 -7.46 -17.09
CA GLN B 133 11.57 -7.47 -18.33
C GLN B 133 10.91 -6.55 -19.35
N ASP B 134 11.62 -5.51 -19.78
CA ASP B 134 11.02 -4.49 -20.62
C ASP B 134 11.19 -4.84 -22.10
N VAL B 135 10.68 -3.95 -22.97
CA VAL B 135 10.66 -4.23 -24.40
C VAL B 135 12.06 -4.43 -24.96
N PHE B 136 13.05 -3.77 -24.38
CA PHE B 136 14.42 -3.88 -24.89
C PHE B 136 15.12 -5.14 -24.40
N GLY B 137 14.43 -6.00 -23.65
CA GLY B 137 15.01 -7.22 -23.13
C GLY B 137 15.73 -7.08 -21.82
N THR B 138 15.77 -5.87 -21.25
CA THR B 138 16.48 -5.64 -20.00
C THR B 138 15.65 -6.21 -18.86
N MET B 139 16.29 -6.98 -17.98
CA MET B 139 15.64 -7.58 -16.83
C MET B 139 15.87 -6.70 -15.61
N TRP B 140 14.78 -6.17 -15.06
CA TRP B 140 14.80 -5.37 -13.85
C TRP B 140 14.29 -6.21 -12.68
N CYS B 141 14.80 -5.93 -11.49
CA CYS B 141 14.45 -6.67 -10.30
C CYS B 141 14.28 -5.70 -9.16
N HIS B 142 13.26 -5.94 -8.33
CA HIS B 142 13.04 -5.17 -7.12
C HIS B 142 12.99 -6.13 -5.93
N HIS B 143 13.79 -5.85 -4.91
CA HIS B 143 13.79 -6.65 -3.69
C HIS B 143 13.24 -5.79 -2.55
N ALA B 144 12.04 -6.14 -2.08
CA ALA B 144 11.41 -5.46 -0.95
C ALA B 144 11.58 -6.33 0.29
N GLU B 145 12.38 -5.87 1.24
CA GLU B 145 12.71 -6.62 2.45
C GLU B 145 11.86 -6.11 3.60
N MET B 146 11.33 -7.03 4.39
CA MET B 146 10.65 -6.64 5.63
C MET B 146 11.71 -6.40 6.70
N GLN B 147 11.64 -5.23 7.35
CA GLN B 147 12.58 -4.95 8.43
C GLN B 147 12.49 -6.02 9.51
N ASN B 148 11.29 -6.54 9.75
CA ASN B 148 11.06 -7.71 10.59
C ASN B 148 10.06 -8.59 9.85
N PRO B 149 10.30 -9.90 9.79
CA PRO B 149 9.32 -10.78 9.13
C PRO B 149 7.93 -10.62 9.74
N VAL B 150 6.93 -10.47 8.87
CA VAL B 150 5.57 -10.16 9.28
C VAL B 150 4.74 -11.44 9.26
N TYR B 151 4.17 -11.80 10.41
CA TYR B 151 3.39 -13.01 10.52
C TYR B 151 2.00 -12.80 9.92
N LEU B 152 1.54 -13.78 9.16
CA LEU B 152 0.16 -13.79 8.66
C LEU B 152 -0.71 -14.42 9.74
N ILE B 153 -1.80 -13.75 10.10
CA ILE B 153 -2.72 -14.28 11.10
C ILE B 153 -4.01 -14.63 10.39
N PRO B 154 -4.16 -15.86 9.90
CA PRO B 154 -5.35 -16.18 9.09
C PRO B 154 -6.61 -16.13 9.93
N GLU B 155 -7.66 -15.58 9.34
CA GLU B 155 -8.97 -15.55 10.00
C GLU B 155 -10.01 -15.01 9.03
N THR B 156 -11.26 -15.30 9.33
CA THR B 156 -12.39 -14.76 8.58
C THR B 156 -12.90 -13.52 9.29
N VAL B 157 -13.03 -12.43 8.55
CA VAL B 157 -13.42 -11.14 9.13
C VAL B 157 -14.93 -11.00 8.99
N PRO B 158 -15.68 -10.90 10.09
CA PRO B 158 -17.13 -10.77 9.98
C PRO B 158 -17.54 -9.42 9.42
N TYR B 159 -18.70 -9.42 8.78
CA TYR B 159 -19.30 -8.17 8.32
C TYR B 159 -19.70 -7.31 9.51
N ILE B 160 -19.35 -6.03 9.45
CA ILE B 160 -19.68 -5.06 10.49
C ILE B 160 -20.27 -3.83 9.81
N LYS B 161 -21.30 -3.27 10.43
CA LYS B 161 -21.95 -2.05 9.97
C LYS B 161 -22.17 -1.15 11.18
N TRP B 162 -21.95 0.15 10.99
CA TRP B 162 -22.13 1.11 12.07
C TRP B 162 -23.50 1.78 11.94
N ASP B 163 -24.31 1.64 12.99
CA ASP B 163 -25.55 2.36 13.17
C ASP B 163 -25.26 3.85 13.41
N ASN B 164 -26.33 4.64 13.42
CA ASN B 164 -26.26 6.05 13.77
C ASN B 164 -25.15 6.74 12.97
N CYS B 165 -25.25 6.62 11.65
CA CYS B 165 -24.36 7.29 10.72
C CYS B 165 -25.20 7.90 9.60
N ASN B 166 -25.06 9.20 9.38
CA ASN B 166 -25.82 9.89 8.34
C ASN B 166 -25.24 9.56 6.97
N SER B 167 -26.10 9.13 6.05
CA SER B 167 -25.67 8.88 4.69
C SER B 167 -25.47 10.20 3.96
N THR B 168 -24.44 10.25 3.12
CA THR B 168 -24.28 11.33 2.16
C THR B 168 -24.39 10.75 0.75
N ASN B 169 -24.92 11.56 -0.17
CA ASN B 169 -24.92 11.17 -1.57
C ASN B 169 -23.54 11.28 -2.21
N ILE B 170 -22.56 11.77 -1.47
CA ILE B 170 -21.23 12.00 -2.03
C ILE B 170 -20.46 10.68 -2.07
N THR B 171 -19.96 10.35 -3.25
CA THR B 171 -19.19 9.12 -3.46
C THR B 171 -17.71 9.37 -3.19
N ALA B 172 -17.08 8.47 -2.45
CA ALA B 172 -15.64 8.50 -2.25
C ALA B 172 -14.97 7.69 -3.35
N VAL B 173 -14.22 8.37 -4.21
CA VAL B 173 -13.65 7.74 -5.39
C VAL B 173 -12.17 7.47 -5.14
N VAL B 174 -11.75 6.24 -5.39
CA VAL B 174 -10.35 5.85 -5.26
C VAL B 174 -9.74 5.79 -6.66
N ARG B 175 -8.59 6.43 -6.83
CA ARG B 175 -7.83 6.38 -8.07
C ARG B 175 -6.38 6.08 -7.72
N ALA B 176 -5.85 5.00 -8.29
CA ALA B 176 -4.47 4.56 -8.02
C ALA B 176 -4.18 4.53 -6.52
N GLN B 177 -5.04 3.82 -5.80
CA GLN B 177 -4.90 3.57 -4.36
C GLN B 177 -5.05 4.82 -3.51
N GLY B 178 -5.38 5.97 -4.11
CA GLY B 178 -5.61 7.18 -3.36
C GLY B 178 -7.08 7.53 -3.32
N LEU B 179 -7.63 7.64 -2.12
CA LEU B 179 -9.01 8.05 -1.95
C LEU B 179 -9.05 9.57 -1.90
N ASP B 180 -10.04 10.15 -2.57
CA ASP B 180 -10.23 11.60 -2.54
C ASP B 180 -11.72 11.84 -2.40
N VAL B 181 -12.08 12.64 -1.41
CA VAL B 181 -13.48 12.98 -1.17
C VAL B 181 -13.53 14.24 -0.33
N THR B 182 -14.53 15.07 -0.61
CA THR B 182 -14.78 16.28 0.17
C THR B 182 -16.22 16.19 0.69
N LEU B 183 -16.36 16.31 2.00
CA LEU B 183 -17.64 16.11 2.66
C LEU B 183 -18.02 17.34 3.47
N PRO B 184 -19.26 17.82 3.36
CA PRO B 184 -19.70 18.90 4.26
C PRO B 184 -20.05 18.36 5.64
N LEU B 185 -19.49 19.00 6.67
CA LEU B 185 -19.84 18.73 8.05
C LEU B 185 -20.50 19.97 8.65
N SER B 186 -21.05 19.81 9.85
CA SER B 186 -21.55 20.95 10.60
C SER B 186 -21.32 20.69 12.08
N LEU B 187 -20.99 21.76 12.80
CA LEU B 187 -20.70 21.70 14.23
C LEU B 187 -21.27 22.92 14.90
N PRO B 188 -21.71 22.81 16.16
CA PRO B 188 -22.18 24.01 16.88
C PRO B 188 -21.08 25.01 17.09
N THR B 189 -19.95 24.58 17.67
CA THR B 189 -18.82 25.47 17.87
C THR B 189 -18.24 25.90 16.53
N SER B 190 -17.33 26.86 16.58
CA SER B 190 -16.70 27.38 15.37
C SER B 190 -15.45 28.14 15.75
N ALA B 191 -14.35 27.84 15.07
CA ALA B 191 -13.08 28.53 15.25
C ALA B 191 -13.26 30.01 15.56
N SER B 194 -12.55 25.89 19.54
CA SER B 194 -13.29 24.73 19.04
C SER B 194 -12.36 23.76 18.33
N ASN B 195 -11.91 22.73 19.05
CA ASN B 195 -11.01 21.76 18.47
C ASN B 195 -11.77 20.82 17.53
N PHE B 196 -11.01 20.09 16.71
CA PHE B 196 -11.58 19.16 15.74
C PHE B 196 -10.81 17.84 15.78
N SER B 197 -11.54 16.74 15.82
CA SER B 197 -10.96 15.41 15.75
C SER B 197 -11.72 14.60 14.70
N VAL B 198 -10.99 13.78 13.94
CA VAL B 198 -11.62 12.93 12.96
C VAL B 198 -10.84 11.62 12.88
N LYS B 199 -11.57 10.54 12.70
CA LYS B 199 -10.99 9.25 12.36
C LYS B 199 -11.92 8.63 11.33
N THR B 200 -11.38 7.70 10.55
CA THR B 200 -12.15 7.05 9.51
C THR B 200 -11.92 5.56 9.56
N GLU B 201 -12.86 4.82 8.99
CA GLU B 201 -12.65 3.41 8.73
C GLU B 201 -13.31 3.09 7.40
N MET B 202 -12.65 2.25 6.62
CA MET B 202 -13.13 1.78 5.34
C MET B 202 -13.33 0.28 5.46
N LEU B 203 -14.57 -0.17 5.28
CA LEU B 203 -14.96 -1.55 5.54
C LEU B 203 -15.57 -2.16 4.29
N GLY B 204 -15.09 -3.34 3.91
CA GLY B 204 -15.61 -4.08 2.78
C GLY B 204 -14.83 -5.33 2.45
N ASN B 205 -15.54 -6.39 2.05
CA ASN B 205 -14.95 -7.63 1.55
C ASN B 205 -13.80 -8.12 2.43
N GLU B 206 -14.05 -8.13 3.74
CA GLU B 206 -13.11 -8.60 4.76
C GLU B 206 -11.85 -7.73 4.88
N ILE B 207 -11.92 -6.49 4.40
CA ILE B 207 -10.84 -5.52 4.57
C ILE B 207 -11.34 -4.46 5.55
N ASP B 208 -10.43 -3.99 6.42
CA ASP B 208 -10.80 -2.97 7.43
C ASP B 208 -9.63 -2.02 7.63
N ILE B 209 -9.68 -0.85 6.98
CA ILE B 209 -8.65 0.18 7.11
C ILE B 209 -9.13 1.23 8.10
N GLU B 210 -8.26 1.61 9.02
CA GLU B 210 -8.55 2.68 9.97
C GLU B 210 -7.51 3.78 9.81
N CYS B 211 -7.98 5.01 9.69
CA CYS B 211 -7.11 6.18 9.54
C CYS B 211 -7.37 7.16 10.68
N ILE B 212 -6.29 7.66 11.27
CA ILE B 212 -6.39 8.58 12.39
C ILE B 212 -5.46 9.77 12.13
N MET B 213 -5.63 10.80 12.94
CA MET B 213 -4.82 12.01 12.80
C MET B 213 -3.51 11.82 13.54
N GLU B 214 -2.40 11.73 12.81
CA GLU B 214 -1.10 11.89 13.42
C GLU B 214 -0.97 13.33 13.90
N ASP B 215 -0.36 13.51 15.08
CA ASP B 215 -0.21 14.79 15.77
C ASP B 215 -1.44 15.12 16.59
N GLY B 216 -2.43 14.22 16.67
CA GLY B 216 -3.59 14.44 17.51
C GLY B 216 -4.58 15.42 16.91
N GLU B 217 -5.58 15.75 17.73
CA GLU B 217 -6.66 16.62 17.29
C GLU B 217 -6.13 18.02 17.00
N ILE B 218 -6.96 18.79 16.30
CA ILE B 218 -6.66 20.20 16.02
C ILE B 218 -7.15 21.02 17.21
N SER B 219 -6.22 21.60 17.96
CA SER B 219 -6.59 22.31 19.18
C SER B 219 -7.19 23.68 18.87
N GLN B 220 -6.58 24.42 17.95
CA GLN B 220 -7.12 25.70 17.49
C GLN B 220 -7.27 25.64 15.98
N VAL B 221 -8.51 25.72 15.50
CA VAL B 221 -8.80 25.70 14.08
C VAL B 221 -8.69 27.12 13.55
N LEU B 222 -7.76 27.35 12.62
CA LEU B 222 -7.60 28.64 11.99
C LEU B 222 -8.64 28.81 10.89
N PRO B 223 -8.82 30.02 10.37
CA PRO B 223 -9.70 30.19 9.21
C PRO B 223 -9.00 29.73 7.93
N GLY B 224 -9.81 29.36 6.95
CA GLY B 224 -9.28 28.81 5.72
C GLY B 224 -9.01 27.32 5.84
N ASP B 225 -7.99 26.86 5.14
CA ASP B 225 -7.64 25.45 5.11
C ASP B 225 -6.78 25.07 6.30
N ASN B 226 -7.14 24.00 6.98
CA ASN B 226 -6.37 23.44 8.09
C ASN B 226 -5.81 22.10 7.63
N LYS B 227 -4.59 22.11 7.11
CA LYS B 227 -3.94 20.89 6.68
C LYS B 227 -3.51 20.08 7.89
N PHE B 228 -3.79 18.77 7.87
CA PHE B 228 -3.39 17.88 8.93
C PHE B 228 -3.03 16.52 8.34
N ASN B 229 -2.04 15.87 8.95
CA ASN B 229 -1.62 14.56 8.52
C ASN B 229 -2.53 13.49 9.13
N ILE B 230 -2.69 12.39 8.39
CA ILE B 230 -3.44 11.24 8.87
C ILE B 230 -2.64 9.99 8.52
N THR B 231 -2.73 8.99 9.39
CA THR B 231 -2.02 7.74 9.24
C THR B 231 -3.02 6.60 9.14
N CYS B 232 -2.92 5.81 8.08
CA CYS B 232 -3.81 4.68 7.87
C CYS B 232 -3.10 3.38 8.19
N SER B 233 -3.88 2.39 8.61
CA SER B 233 -3.28 1.11 8.99
C SER B 233 -2.79 0.36 7.76
N GLY B 234 -1.73 -0.42 7.94
CA GLY B 234 -1.10 -1.16 6.88
C GLY B 234 0.23 -0.53 6.48
N TYR B 235 0.75 -0.99 5.34
CA TYR B 235 2.00 -0.47 4.83
C TYR B 235 1.80 0.92 4.24
N GLU B 236 2.58 1.88 4.72
CA GLU B 236 2.44 3.27 4.29
C GLU B 236 2.96 3.46 2.88
N SER B 237 2.34 4.39 2.16
CA SER B 237 2.82 4.82 0.86
C SER B 237 3.89 5.89 1.02
N HIS B 238 4.72 6.05 0.00
CA HIS B 238 5.70 7.13 0.01
C HIS B 238 5.04 8.48 -0.24
N VAL B 239 3.82 8.49 -0.77
CA VAL B 239 3.02 9.70 -0.86
C VAL B 239 2.25 9.85 0.44
N PRO B 240 2.35 10.97 1.16
CA PRO B 240 1.72 11.05 2.48
C PRO B 240 0.19 11.08 2.40
N SER B 241 -0.44 10.53 3.43
CA SER B 241 -1.87 10.65 3.63
C SER B 241 -2.16 11.96 4.36
N GLY B 242 -3.28 12.59 4.01
CA GLY B 242 -3.60 13.88 4.61
C GLY B 242 -5.06 14.25 4.44
N GLY B 243 -5.44 15.34 5.12
CA GLY B 243 -6.77 15.87 5.02
C GLY B 243 -6.73 17.38 5.22
N ILE B 244 -7.86 18.02 4.92
CA ILE B 244 -8.00 19.46 5.07
C ILE B 244 -9.38 19.77 5.61
N LEU B 245 -9.45 20.59 6.66
CA LEU B 245 -10.70 21.07 7.23
C LEU B 245 -10.86 22.53 6.84
N THR B 246 -11.80 22.80 5.95
CA THR B 246 -12.02 24.16 5.46
C THR B 246 -13.07 24.85 6.31
N SER B 247 -12.71 26.01 6.85
CA SER B 247 -13.58 26.80 7.70
C SER B 247 -14.06 28.04 6.94
N THR B 248 -15.32 28.41 7.18
CA THR B 248 -15.89 29.57 6.50
C THR B 248 -15.19 30.85 6.95
N SER B 249 -14.97 31.75 6.00
CA SER B 249 -14.31 33.02 6.28
C SER B 249 -15.08 34.18 5.69
N GLY B 259 -24.01 26.75 12.38
CA GLY B 259 -23.33 27.98 12.71
C GLY B 259 -22.37 28.44 11.61
N TYR B 260 -21.21 27.80 11.53
CA TYR B 260 -20.18 28.14 10.58
C TYR B 260 -19.86 26.93 9.71
N ALA B 261 -19.55 27.17 8.45
CA ALA B 261 -19.40 26.09 7.48
C ALA B 261 -18.05 25.40 7.64
N TYR B 262 -18.08 24.07 7.64
CA TYR B 262 -16.88 23.25 7.61
C TYR B 262 -16.95 22.30 6.43
N SER B 263 -15.86 22.19 5.69
CA SER B 263 -15.73 21.22 4.62
C SER B 263 -14.52 20.35 4.93
N LEU B 264 -14.67 19.04 4.79
CA LEU B 264 -13.63 18.09 5.12
C LEU B 264 -13.17 17.40 3.85
N ARG B 265 -11.91 17.64 3.47
CA ARG B 265 -11.25 16.92 2.39
C ARG B 265 -10.41 15.81 3.01
N LEU B 266 -10.56 14.59 2.49
CA LEU B 266 -9.80 13.44 2.96
C LEU B 266 -9.06 12.82 1.78
N THR B 267 -7.75 12.65 1.93
CA THR B 267 -6.90 12.04 0.89
C THR B 267 -6.04 10.94 1.48
N PRO B 268 -6.64 9.91 2.07
CA PRO B 268 -5.86 8.80 2.61
C PRO B 268 -5.40 7.85 1.54
N ARG B 269 -4.27 7.19 1.81
CA ARG B 269 -3.72 6.17 0.93
C ARG B 269 -2.75 5.32 1.73
N PRO B 270 -2.53 4.05 1.34
CA PRO B 270 -3.19 3.35 0.23
C PRO B 270 -4.53 2.75 0.59
N VAL B 271 -5.45 2.75 -0.37
CA VAL B 271 -6.78 2.20 -0.20
C VAL B 271 -6.94 1.10 -1.24
N SER B 272 -6.92 -0.15 -0.81
CA SER B 272 -6.84 -1.26 -1.75
C SER B 272 -8.20 -1.60 -2.35
N ARG B 273 -8.21 -1.89 -3.65
CA ARG B 273 -9.46 -2.33 -4.27
C ARG B 273 -9.88 -3.72 -3.80
N PHE B 274 -9.09 -4.41 -2.97
CA PHE B 274 -9.63 -5.60 -2.30
C PHE B 274 -10.86 -5.25 -1.45
N LEU B 275 -11.03 -3.98 -1.08
CA LEU B 275 -12.25 -3.56 -0.40
C LEU B 275 -13.49 -3.84 -1.26
N GLY B 276 -13.33 -3.80 -2.58
CA GLY B 276 -14.44 -3.96 -3.48
C GLY B 276 -15.25 -2.69 -3.66
N ASN B 277 -15.97 -2.62 -4.77
CA ASN B 277 -16.92 -1.55 -4.98
C ASN B 277 -18.05 -1.66 -3.96
N ASN B 278 -18.58 -0.51 -3.55
CA ASN B 278 -19.67 -0.43 -2.58
C ASN B 278 -19.25 -0.86 -1.19
N SER B 279 -17.93 -0.90 -0.93
CA SER B 279 -17.45 -0.77 0.44
C SER B 279 -17.86 0.61 0.96
N ILE B 280 -17.65 0.83 2.26
CA ILE B 280 -18.18 2.02 2.93
C ILE B 280 -17.06 2.74 3.66
N LEU B 281 -17.01 4.05 3.49
CA LEU B 281 -16.13 4.94 4.24
C LEU B 281 -16.94 5.56 5.36
N TYR B 282 -16.57 5.25 6.60
CA TYR B 282 -17.17 5.85 7.79
C TYR B 282 -16.27 6.97 8.27
N VAL B 283 -16.85 8.14 8.51
CA VAL B 283 -16.13 9.31 9.00
C VAL B 283 -16.71 9.66 10.35
N PHE B 284 -15.93 9.46 11.40
CA PHE B 284 -16.32 9.82 12.76
C PHE B 284 -15.59 11.10 13.14
N TYR B 285 -16.32 12.13 13.54
CA TYR B 285 -15.72 13.41 13.84
C TYR B 285 -16.36 14.02 15.06
N SER B 286 -15.62 14.92 15.69
CA SER B 286 -16.06 15.59 16.91
C SER B 286 -15.53 17.01 16.91
N GLY B 287 -16.25 17.90 17.58
CA GLY B 287 -15.86 19.29 17.67
C GLY B 287 -15.88 19.80 19.10
N ASP B 296 -20.02 10.77 19.24
CA ASP B 296 -19.35 11.16 18.01
C ASP B 296 -20.35 11.29 16.86
N TYR B 297 -20.15 12.30 16.02
CA TYR B 297 -20.89 12.38 14.77
C TYR B 297 -20.31 11.40 13.77
N CYS B 298 -21.16 10.94 12.84
CA CYS B 298 -20.72 9.97 11.85
C CYS B 298 -21.45 10.22 10.54
N ILE B 299 -20.70 10.27 9.45
CA ILE B 299 -21.28 10.25 8.11
C ILE B 299 -20.65 9.09 7.36
N GLN B 300 -21.40 8.52 6.43
CA GLN B 300 -20.93 7.38 5.66
C GLN B 300 -21.16 7.64 4.18
N SER B 301 -20.17 7.22 3.38
CA SER B 301 -20.16 7.43 1.94
C SER B 301 -19.75 6.13 1.27
N ASN B 302 -20.33 5.86 0.10
CA ASN B 302 -19.95 4.68 -0.64
C ASN B 302 -18.62 4.90 -1.34
N ILE B 303 -17.80 3.85 -1.39
CA ILE B 303 -16.50 3.89 -2.04
C ILE B 303 -16.59 3.21 -3.39
N VAL B 304 -16.03 3.84 -4.41
CA VAL B 304 -15.94 3.26 -5.75
C VAL B 304 -14.49 3.34 -6.21
N PHE B 305 -14.06 2.33 -6.94
CA PHE B 305 -12.68 2.24 -7.43
C PHE B 305 -12.69 2.49 -8.92
N SER B 306 -12.11 3.61 -9.33
CA SER B 306 -12.00 3.92 -10.75
C SER B 306 -11.24 2.81 -11.46
N ASP B 307 -11.92 2.15 -12.41
CA ASP B 307 -11.24 1.21 -13.29
C ASP B 307 -10.39 1.93 -14.32
N GLU B 308 -10.71 3.19 -14.62
CA GLU B 308 -9.90 3.97 -15.55
C GLU B 308 -8.59 4.39 -14.89
N ILE B 309 -7.55 4.51 -15.72
CA ILE B 309 -6.24 4.90 -15.21
C ILE B 309 -6.33 6.31 -14.66
N PRO B 310 -5.70 6.62 -13.51
CA PRO B 310 -5.82 7.98 -12.95
C PRO B 310 -5.14 9.03 -13.81
N ALA B 311 -3.93 8.71 -14.25
CA ALA B 311 -3.12 9.64 -15.03
C ALA B 311 -2.19 8.83 -15.92
N SER B 312 -1.43 9.53 -16.75
CA SER B 312 -0.48 8.85 -17.62
C SER B 312 0.46 7.97 -16.82
N GLN B 313 0.56 6.69 -17.21
CA GLN B 313 1.50 5.78 -16.59
C GLN B 313 2.94 6.05 -17.02
N ASP B 314 3.16 6.84 -18.07
CA ASP B 314 4.50 7.15 -18.53
C ASP B 314 5.36 7.65 -17.39
N MET B 315 6.62 7.22 -17.35
CA MET B 315 7.54 7.78 -16.39
C MET B 315 7.79 9.24 -16.74
N PRO B 316 8.08 10.08 -15.75
CA PRO B 316 8.31 11.50 -16.06
C PRO B 316 9.51 11.66 -16.97
N THR B 317 9.47 12.72 -17.77
CA THR B 317 10.51 12.94 -18.78
C THR B 317 10.86 14.41 -18.84
N ASN B 318 12.08 14.69 -19.27
CA ASN B 318 12.50 16.04 -19.63
C ASN B 318 12.50 16.15 -21.14
N THR B 319 11.95 17.25 -21.66
CA THR B 319 11.83 17.45 -23.09
C THR B 319 12.85 18.46 -23.57
N THR B 320 13.49 18.16 -24.70
CA THR B 320 14.48 19.04 -25.30
C THR B 320 14.18 19.19 -26.79
N ASP B 321 14.18 20.43 -27.28
CA ASP B 321 13.99 20.71 -28.69
C ASP B 321 15.34 20.98 -29.33
N ILE B 322 15.70 20.19 -30.34
CA ILE B 322 16.96 20.32 -31.05
C ILE B 322 16.66 20.69 -32.49
N THR B 323 17.38 21.67 -33.02
CA THR B 323 17.31 22.00 -34.43
C THR B 323 18.54 21.45 -35.14
N TYR B 324 18.40 21.21 -36.44
CA TYR B 324 19.47 20.65 -37.25
C TYR B 324 19.36 21.17 -38.67
N VAL B 325 20.51 21.24 -39.34
CA VAL B 325 20.58 21.51 -40.76
C VAL B 325 21.17 20.29 -41.45
N GLY B 326 20.61 19.90 -42.59
CA GLY B 326 21.02 18.69 -43.26
C GLY B 326 20.21 17.50 -42.81
N ASP B 327 20.87 16.36 -42.60
CA ASP B 327 20.18 15.14 -42.17
C ASP B 327 20.91 14.45 -41.03
N ASN B 328 21.84 15.14 -40.36
CA ASN B 328 22.54 14.62 -39.21
C ASN B 328 22.21 15.49 -38.00
N ALA B 329 22.02 14.86 -36.84
CA ALA B 329 21.80 15.60 -35.60
C ALA B 329 22.40 14.80 -34.46
N THR B 330 22.88 15.51 -33.45
CA THR B 330 23.57 14.91 -32.32
C THR B 330 22.88 15.31 -31.02
N TYR B 331 22.95 14.43 -30.04
CA TYR B 331 22.46 14.72 -28.69
C TYR B 331 23.37 14.01 -27.70
N SER B 332 23.79 14.73 -26.67
CA SER B 332 24.68 14.19 -25.64
C SER B 332 23.87 13.85 -24.39
N VAL B 333 23.95 12.60 -23.96
CA VAL B 333 23.26 12.10 -22.78
C VAL B 333 24.24 12.09 -21.62
N PRO B 334 24.07 12.96 -20.62
CA PRO B 334 25.00 12.96 -19.47
C PRO B 334 24.74 11.78 -18.56
N MET B 335 25.64 11.62 -17.59
CA MET B 335 25.41 10.67 -16.51
C MET B 335 24.16 11.06 -15.73
N VAL B 336 23.46 10.06 -15.20
CA VAL B 336 22.22 10.30 -14.48
C VAL B 336 22.54 10.64 -13.02
N THR B 337 21.54 11.14 -12.30
CA THR B 337 21.73 11.48 -10.90
C THR B 337 22.20 10.27 -10.12
N SER B 338 23.21 10.48 -9.27
CA SER B 338 23.83 9.47 -8.44
C SER B 338 24.66 8.48 -9.25
N GLU B 339 24.79 8.65 -10.56
CA GLU B 339 25.63 7.76 -11.34
C GLU B 339 27.10 8.04 -11.02
N ASP B 340 27.78 7.05 -10.46
CA ASP B 340 29.18 7.16 -10.12
C ASP B 340 30.05 6.85 -11.33
N ALA B 341 31.22 7.49 -11.38
CA ALA B 341 32.15 7.27 -12.49
C ALA B 341 32.61 5.82 -12.57
N ASN B 342 32.49 5.06 -11.48
CA ASN B 342 32.77 3.63 -11.49
C ASN B 342 31.50 2.84 -11.22
N SER B 343 30.53 2.97 -12.12
CA SER B 343 29.29 2.19 -12.03
C SER B 343 29.43 0.91 -12.83
N PRO B 344 29.24 -0.27 -12.22
CA PRO B 344 29.46 -1.51 -12.98
C PRO B 344 28.68 -1.60 -14.28
N ASN B 345 27.40 -1.22 -14.28
CA ASN B 345 26.54 -1.35 -15.45
C ASN B 345 25.93 -0.01 -15.78
N VAL B 346 26.06 0.40 -17.04
CA VAL B 346 25.32 1.53 -17.60
C VAL B 346 24.62 1.03 -18.85
N THR B 347 23.37 1.44 -19.02
CA THR B 347 22.57 1.06 -20.19
C THR B 347 21.89 2.31 -20.73
N VAL B 348 22.00 2.52 -22.03
CA VAL B 348 21.30 3.59 -22.73
C VAL B 348 20.47 2.94 -23.83
N THR B 349 19.22 3.38 -23.97
CA THR B 349 18.33 2.84 -24.99
C THR B 349 17.62 4.01 -25.68
N ALA B 350 17.15 3.75 -26.90
CA ALA B 350 16.49 4.78 -27.68
C ALA B 350 15.48 4.15 -28.62
N PHE B 351 14.35 4.83 -28.83
CA PHE B 351 13.38 4.42 -29.82
C PHE B 351 12.63 5.65 -30.31
N TRP B 352 12.12 5.57 -31.53
CA TRP B 352 11.34 6.68 -32.08
C TRP B 352 9.91 6.62 -31.55
N ALA B 353 9.37 7.81 -31.24
CA ALA B 353 8.07 7.87 -30.57
C ALA B 353 7.02 7.08 -31.34
N TRP B 354 6.05 6.57 -30.59
CA TRP B 354 4.93 5.82 -31.13
C TRP B 354 5.38 4.67 -32.04
N PRO B 355 6.23 3.77 -31.54
CA PRO B 355 6.67 2.64 -32.36
C PRO B 355 5.53 1.69 -32.66
N ASN B 356 5.73 0.89 -33.71
CA ASN B 356 4.67 0.06 -34.28
C ASN B 356 4.91 -1.43 -34.13
N ASN B 357 6.15 -1.86 -33.93
CA ASN B 357 6.50 -3.28 -34.01
C ASN B 357 7.49 -3.61 -32.90
N THR B 358 7.06 -4.44 -31.95
CA THR B 358 7.97 -4.87 -30.89
C THR B 358 9.16 -5.67 -31.40
N GLU B 359 9.07 -6.19 -32.63
CA GLU B 359 10.11 -7.07 -33.14
C GLU B 359 11.30 -6.34 -33.74
N THR B 360 11.14 -5.08 -34.16
CA THR B 360 12.19 -4.38 -34.89
C THR B 360 12.44 -2.95 -34.42
N ASP B 361 11.61 -2.39 -33.55
CA ASP B 361 11.71 -1.00 -33.16
C ASP B 361 12.48 -0.78 -31.86
N PHE B 362 12.97 -1.84 -31.23
CA PHE B 362 13.59 -1.74 -29.90
C PHE B 362 14.94 -2.45 -29.88
N LYS B 363 15.73 -2.27 -30.94
CA LYS B 363 17.07 -2.85 -31.00
C LYS B 363 18.16 -1.86 -30.62
N CYS B 364 17.84 -0.57 -30.46
CA CYS B 364 18.85 0.43 -30.15
C CYS B 364 19.11 0.43 -28.65
N LYS B 365 20.02 -0.43 -28.22
CA LYS B 365 20.42 -0.52 -26.82
C LYS B 365 21.94 -0.60 -26.75
N TRP B 366 22.53 0.22 -25.90
CA TRP B 366 23.98 0.25 -25.71
C TRP B 366 24.31 -0.01 -24.25
N THR B 367 25.37 -0.78 -24.02
CA THR B 367 25.99 -0.91 -22.73
C THR B 367 27.42 -0.39 -22.81
N LEU B 368 28.10 -0.36 -21.66
CA LEU B 368 29.50 0.06 -21.65
C LEU B 368 30.38 -0.80 -22.56
N THR B 369 29.94 -2.01 -22.91
CA THR B 369 30.61 -2.84 -23.92
C THR B 369 29.54 -3.24 -24.94
N SER B 370 29.50 -2.53 -26.06
CA SER B 370 28.46 -2.76 -27.06
C SER B 370 28.70 -1.88 -28.26
N GLY B 371 28.19 -2.32 -29.41
CA GLY B 371 28.09 -1.49 -30.58
C GLY B 371 26.60 -1.26 -30.90
N THR B 372 26.38 -0.35 -31.84
CA THR B 372 25.02 -0.16 -32.34
C THR B 372 24.54 -1.52 -32.83
N PRO B 373 23.54 -2.13 -32.19
CA PRO B 373 23.14 -3.48 -32.58
C PRO B 373 22.48 -3.50 -33.96
N SER B 374 22.49 -4.70 -34.55
CA SER B 374 21.77 -4.93 -35.79
C SER B 374 20.30 -4.54 -35.61
N GLY B 375 19.70 -4.05 -36.68
CA GLY B 375 18.33 -3.59 -36.64
C GLY B 375 18.15 -2.19 -36.08
N CYS B 376 19.14 -1.65 -35.40
CA CYS B 376 19.14 -0.24 -35.02
C CYS B 376 19.64 0.53 -36.23
N GLU B 377 18.73 1.16 -36.95
CA GLU B 377 19.03 1.78 -38.23
C GLU B 377 18.97 3.30 -38.09
N ASN B 378 19.95 3.97 -38.71
CA ASN B 378 20.03 5.42 -38.76
C ASN B 378 20.28 6.06 -37.39
N ILE B 379 20.87 5.31 -36.45
CA ILE B 379 21.21 5.84 -35.14
C ILE B 379 22.53 5.23 -34.71
N SER B 380 23.44 6.06 -34.23
CA SER B 380 24.73 5.60 -33.73
C SER B 380 24.97 6.21 -32.35
N GLY B 381 25.73 5.50 -31.53
CA GLY B 381 26.01 5.97 -30.19
C GLY B 381 27.30 5.38 -29.68
N ALA B 382 27.93 6.11 -28.74
CA ALA B 382 29.16 5.64 -28.13
C ALA B 382 29.39 6.41 -26.83
N PHE B 383 29.89 5.71 -25.82
CA PHE B 383 30.31 6.36 -24.59
C PHE B 383 31.66 7.02 -24.78
N ALA B 384 31.81 8.22 -24.23
CA ALA B 384 33.11 8.84 -24.12
C ALA B 384 33.82 8.33 -22.88
N SER B 385 35.09 8.69 -22.74
CA SER B 385 35.80 8.40 -21.49
C SER B 385 35.14 9.10 -20.32
N ASN B 386 34.34 10.15 -20.58
CA ASN B 386 33.59 10.84 -19.55
C ASN B 386 32.43 10.01 -19.02
N ARG B 387 32.03 8.96 -19.73
CA ARG B 387 30.78 8.22 -19.53
C ARG B 387 29.60 8.99 -20.11
N THR B 388 29.83 10.18 -20.68
CA THR B 388 28.82 10.83 -21.48
C THR B 388 28.54 9.99 -22.72
N PHE B 389 27.27 9.87 -23.09
CA PHE B 389 26.88 9.04 -24.23
C PHE B 389 26.43 9.95 -25.36
N ASP B 390 27.20 9.96 -26.45
CA ASP B 390 26.92 10.80 -27.59
C ASP B 390 26.16 9.97 -28.62
N ILE B 391 24.97 10.41 -28.98
CA ILE B 391 24.14 9.70 -29.95
C ILE B 391 23.96 10.58 -31.19
N THR B 392 24.02 9.95 -32.35
CA THR B 392 23.89 10.65 -33.62
C THR B 392 22.78 10.00 -34.43
N VAL B 393 21.93 10.82 -35.04
CA VAL B 393 20.80 10.33 -35.84
C VAL B 393 21.01 10.78 -37.27
N SER B 394 20.73 9.88 -38.21
CA SER B 394 20.95 10.10 -39.62
C SER B 394 19.65 9.94 -40.39
N GLY B 395 19.70 10.28 -41.67
CA GLY B 395 18.52 10.16 -42.51
C GLY B 395 17.32 10.91 -41.98
N LEU B 396 17.55 12.08 -41.39
CA LEU B 396 16.46 12.88 -40.86
C LEU B 396 15.73 13.59 -42.00
N GLY B 397 14.44 13.32 -42.13
CA GLY B 397 13.64 13.93 -43.18
C GLY B 397 13.36 15.39 -42.90
N THR B 398 12.23 15.88 -43.41
CA THR B 398 11.84 17.27 -43.21
C THR B 398 10.94 17.48 -42.00
N ALA B 399 10.22 16.43 -41.55
CA ALA B 399 9.27 16.61 -40.46
C ALA B 399 9.96 16.45 -39.11
N PRO B 400 9.44 17.08 -38.06
CA PRO B 400 10.00 16.85 -36.72
C PRO B 400 9.80 15.40 -36.30
N LYS B 401 10.84 14.85 -35.67
CA LYS B 401 10.79 13.47 -35.17
C LYS B 401 11.31 13.47 -33.73
N THR B 402 10.66 12.65 -32.90
CA THR B 402 10.92 12.62 -31.47
C THR B 402 11.58 11.30 -31.10
N LEU B 403 12.72 11.40 -30.42
CA LEU B 403 13.47 10.24 -29.95
C LEU B 403 13.33 10.14 -28.43
N ILE B 404 13.02 8.94 -27.95
CA ILE B 404 12.87 8.66 -26.53
C ILE B 404 14.13 7.95 -26.07
N ILE B 405 14.94 8.62 -25.25
CA ILE B 405 16.23 8.12 -24.82
C ILE B 405 16.17 7.87 -23.32
N THR B 406 16.55 6.67 -22.90
CA THR B 406 16.55 6.31 -21.49
C THR B 406 17.95 5.87 -21.08
N ARG B 407 18.38 6.34 -19.92
CA ARG B 407 19.69 5.95 -19.37
C ARG B 407 19.52 5.45 -17.94
N THR B 408 20.15 4.34 -17.62
CA THR B 408 20.15 3.78 -16.28
C THR B 408 21.58 3.40 -15.89
N ALA B 409 21.86 3.44 -14.60
CA ALA B 409 23.13 2.99 -14.07
C ALA B 409 22.89 2.32 -12.71
N THR B 410 23.81 1.45 -12.33
CA THR B 410 23.65 0.70 -11.10
C THR B 410 23.50 1.65 -9.91
N ASN B 411 22.50 1.39 -9.08
CA ASN B 411 22.22 2.20 -7.89
C ASN B 411 22.01 3.67 -8.26
N ALA B 412 21.56 3.93 -9.48
CA ALA B 412 21.30 5.28 -9.98
C ALA B 412 19.84 5.41 -10.42
N THR B 413 19.50 6.58 -10.92
CA THR B 413 18.12 6.94 -11.24
C THR B 413 17.90 6.87 -12.74
N THR B 414 17.05 5.96 -13.18
CA THR B 414 16.69 5.87 -14.59
C THR B 414 16.06 7.19 -15.04
N THR B 415 16.63 7.77 -16.10
CA THR B 415 16.23 9.08 -16.59
C THR B 415 15.89 8.95 -18.07
N THR B 416 14.76 9.52 -18.48
CA THR B 416 14.31 9.45 -19.86
C THR B 416 14.24 10.84 -20.47
N HIS B 417 14.86 10.99 -21.63
CA HIS B 417 14.89 12.25 -22.36
C HIS B 417 13.97 12.16 -23.57
N LYS B 418 13.15 13.18 -23.78
CA LYS B 418 12.30 13.27 -24.96
C LYS B 418 12.92 14.34 -25.84
N VAL B 419 13.57 13.93 -26.93
CA VAL B 419 14.33 14.83 -27.79
C VAL B 419 13.60 14.97 -29.11
N ILE B 420 13.13 16.18 -29.40
CA ILE B 420 12.42 16.48 -30.64
C ILE B 420 13.40 17.15 -31.59
N PHE B 421 13.69 16.48 -32.70
CA PHE B 421 14.57 17.01 -33.74
C PHE B 421 13.73 17.68 -34.81
N SER B 422 13.98 18.96 -35.06
CA SER B 422 13.24 19.73 -36.05
C SER B 422 14.19 20.46 -36.97
N LYS B 423 13.78 20.58 -38.24
CA LYS B 423 14.61 21.22 -39.25
C LYS B 423 14.81 22.70 -38.92
N ALA B 424 16.04 23.16 -39.06
CA ALA B 424 16.36 24.54 -38.74
C ALA B 424 15.56 25.49 -39.62
N PRO B 425 14.92 26.54 -39.06
CA PRO B 425 14.24 27.52 -39.90
C PRO B 425 15.09 28.76 -40.17
#